data_1XVS
#
_entry.id   1XVS
#
_cell.length_a   90.138
_cell.length_b   67.998
_cell.length_c   64.002
_cell.angle_alpha   90.00
_cell.angle_beta   131.43
_cell.angle_gamma   90.00
#
_symmetry.space_group_name_H-M   'C 1 2 1'
#
loop_
_entity.id
_entity.type
_entity.pdbx_description
1 polymer 'Protein apaG'
2 non-polymer GLYCEROL
3 water water
#
_entity_poly.entity_id   1
_entity_poly.type   'polypeptide(L)'
_entity_poly.pdbx_seq_one_letter_code
;(MSE)DVSLPCIKIQVQTRYIEEQSNPEYQRFVFAYLITIKNLSSQTVQL(MSE)SRRWLITDADGKQTVVEGDGVVGEQ
PRIKANDEYTYSSGTALDTPVGV(MSE)QGQYL(MSE)IDEQGESFTVEIEPFRLAVPHVLN
;
_entity_poly.pdbx_strand_id   A,B
#
# COMPACT_ATOMS: atom_id res chain seq x y z
N ASP A 2 -4.69 -3.06 -13.71
CA ASP A 2 -4.19 -2.63 -12.44
C ASP A 2 -4.29 -3.68 -11.38
N VAL A 3 -3.16 -4.09 -10.81
CA VAL A 3 -3.20 -5.15 -9.75
C VAL A 3 -2.51 -4.74 -8.46
N SER A 4 -2.45 -3.44 -8.23
CA SER A 4 -1.89 -2.83 -7.00
C SER A 4 -3.08 -2.16 -6.31
N LEU A 5 -3.12 -2.08 -4.98
CA LEU A 5 -4.26 -1.29 -4.32
C LEU A 5 -4.17 0.20 -4.70
N PRO A 6 -5.28 0.95 -4.72
CA PRO A 6 -5.17 2.39 -5.04
C PRO A 6 -4.10 3.12 -4.22
N CYS A 7 -3.25 3.89 -4.85
CA CYS A 7 -2.20 4.57 -4.09
C CYS A 7 -2.74 5.82 -3.34
N ILE A 8 -2.62 5.79 -2.02
CA ILE A 8 -3.02 6.86 -1.16
C ILE A 8 -1.73 7.37 -0.51
N LYS A 9 -1.35 8.68 -0.68
CA LYS A 9 -0.15 9.20 -0.03
C LYS A 9 -0.57 10.01 1.19
N ILE A 10 -0.08 9.70 2.35
CA ILE A 10 -0.43 10.50 3.56
C ILE A 10 0.79 11.27 4.14
N GLN A 11 0.60 12.56 4.44
CA GLN A 11 1.61 13.39 5.07
C GLN A 11 1.04 14.00 6.34
N VAL A 12 1.87 14.33 7.28
CA VAL A 12 1.39 14.82 8.51
C VAL A 12 2.37 15.90 8.96
N GLN A 13 1.85 16.95 9.59
CA GLN A 13 2.70 17.94 10.26
C GLN A 13 2.10 18.01 11.65
N THR A 14 2.93 18.28 12.62
CA THR A 14 2.50 18.31 14.03
C THR A 14 3.13 19.53 14.67
N ARG A 15 2.53 19.95 15.79
CA ARG A 15 2.93 21.17 16.48
C ARG A 15 2.45 20.91 17.90
N TYR A 16 3.31 21.12 18.88
CA TYR A 16 2.94 21.23 20.29
C TYR A 16 2.19 22.55 20.55
N ILE A 17 1.05 22.50 21.24
CA ILE A 17 0.26 23.60 21.62
C ILE A 17 0.61 23.95 23.11
N GLU A 18 1.52 24.87 23.27
CA GLU A 18 1.94 25.25 24.61
C GLU A 18 0.78 25.85 25.44
N GLU A 19 -0.04 26.67 24.74
CA GLU A 19 -1.29 27.29 25.30
C GLU A 19 -2.45 26.33 25.71
N GLN A 20 -2.33 25.05 25.39
CA GLN A 20 -3.31 24.11 25.87
C GLN A 20 -2.76 23.10 26.83
N SER A 21 -1.45 23.20 27.13
CA SER A 21 -0.70 22.19 27.86
C SER A 21 -0.45 22.69 29.24
N ASN A 22 -0.08 21.75 30.12
CA ASN A 22 0.33 22.06 31.49
C ASN A 22 1.39 21.01 31.88
N PRO A 23 2.70 21.23 31.53
CA PRO A 23 3.81 20.31 31.86
C PRO A 23 3.86 19.91 33.31
N GLU A 24 3.59 20.85 34.19
CA GLU A 24 3.50 20.55 35.57
C GLU A 24 2.57 19.43 35.96
N TYR A 25 1.41 19.43 35.36
CA TYR A 25 0.40 18.40 35.55
C TYR A 25 0.51 17.30 34.48
N GLN A 26 1.67 17.13 33.83
CA GLN A 26 1.82 16.10 32.80
C GLN A 26 0.73 16.08 31.78
N ARG A 27 0.51 17.20 31.16
CA ARG A 27 -0.46 17.30 30.14
C ARG A 27 0.23 18.05 29.01
N PHE A 28 0.42 17.33 27.90
CA PHE A 28 1.15 17.85 26.73
C PHE A 28 0.27 17.69 25.54
N VAL A 29 -0.15 18.82 24.91
CA VAL A 29 -1.16 18.84 23.87
C VAL A 29 -0.53 19.15 22.53
N PHE A 30 -0.92 18.33 21.52
CA PHE A 30 -0.38 18.41 20.19
C PHE A 30 -1.50 18.58 19.15
N ALA A 31 -1.22 19.35 18.11
CA ALA A 31 -2.13 19.51 17.02
C ALA A 31 -1.50 18.75 15.86
N TYR A 32 -2.29 18.08 15.01
CA TYR A 32 -1.79 17.46 13.77
C TYR A 32 -2.58 17.81 12.55
N LEU A 33 -1.88 18.05 11.44
CA LEU A 33 -2.50 18.42 10.20
C LEU A 33 -2.18 17.35 9.10
N ILE A 34 -3.19 16.70 8.53
CA ILE A 34 -2.96 15.55 7.72
C ILE A 34 -3.50 15.79 6.36
N THR A 35 -2.77 15.37 5.35
CA THR A 35 -3.13 15.54 3.92
C THR A 35 -3.15 14.11 3.39
N ILE A 36 -4.23 13.79 2.67
CA ILE A 36 -4.50 12.52 2.05
C ILE A 36 -4.63 12.81 0.56
N LYS A 37 -3.66 12.35 -0.23
CA LYS A 37 -3.63 12.58 -1.70
C LYS A 37 -3.98 11.27 -2.42
N ASN A 38 -4.97 11.32 -3.29
CA ASN A 38 -5.38 10.17 -3.99
C ASN A 38 -4.49 10.18 -5.21
N LEU A 39 -3.57 9.21 -5.27
CA LEU A 39 -2.76 9.05 -6.47
C LEU A 39 -3.20 7.95 -7.39
N SER A 40 -4.45 7.56 -7.33
CA SER A 40 -4.90 6.38 -8.14
C SER A 40 -5.66 6.91 -9.36
N SER A 41 -6.31 6.04 -10.15
CA SER A 41 -7.15 6.63 -11.20
C SER A 41 -8.63 6.64 -10.90
N GLN A 42 -9.01 6.46 -9.64
CA GLN A 42 -10.40 6.39 -9.35
C GLN A 42 -10.66 7.23 -8.15
N THR A 43 -11.94 7.56 -7.95
CA THR A 43 -12.25 8.31 -6.80
C THR A 43 -12.37 7.33 -5.61
N VAL A 44 -11.87 7.73 -4.46
CA VAL A 44 -11.90 6.86 -3.26
C VAL A 44 -12.57 7.53 -2.10
N GLN A 45 -12.83 6.84 -0.98
CA GLN A 45 -13.59 7.50 0.09
C GLN A 45 -13.13 6.93 1.35
N LEU A 46 -12.85 7.84 2.27
CA LEU A 46 -12.30 7.50 3.61
C LEU A 46 -13.47 7.23 4.56
N SER A 48 -13.42 5.18 7.59
CA SER A 48 -13.22 5.14 8.99
C SER A 48 -11.74 5.18 9.34
N ARG A 49 -11.46 5.32 10.64
CA ARG A 49 -10.07 5.45 11.12
C ARG A 49 -9.77 4.74 12.45
N ARG A 50 -8.54 4.32 12.60
CA ARG A 50 -8.13 3.70 13.84
C ARG A 50 -6.72 4.14 14.16
N TRP A 51 -6.57 4.70 15.37
CA TRP A 51 -5.32 5.21 15.82
C TRP A 51 -4.83 4.39 17.00
N LEU A 52 -3.49 4.24 17.00
CA LEU A 52 -2.81 3.66 18.13
C LEU A 52 -1.80 4.72 18.61
N ILE A 53 -1.96 5.23 19.82
CA ILE A 53 -1.28 6.44 20.27
C ILE A 53 -0.49 5.97 21.43
N THR A 54 0.84 6.15 21.37
CA THR A 54 1.74 5.63 22.43
C THR A 54 2.54 6.78 23.04
N ASP A 55 2.46 6.97 24.35
CA ASP A 55 3.28 7.96 24.92
C ASP A 55 4.72 7.45 25.15
N ALA A 56 5.56 8.29 25.81
CA ALA A 56 6.97 8.13 25.75
C ALA A 56 7.34 7.07 26.71
N ASP A 57 6.42 6.78 27.61
CA ASP A 57 6.62 5.70 28.54
C ASP A 57 6.01 4.45 28.02
N GLY A 58 5.34 4.51 26.87
CA GLY A 58 4.88 3.28 26.34
C GLY A 58 3.43 2.99 26.59
N LYS A 59 2.71 3.95 27.13
CA LYS A 59 1.30 3.71 27.40
C LYS A 59 0.51 3.90 26.10
N GLN A 60 -0.38 2.92 25.81
CA GLN A 60 -1.09 2.79 24.53
C GLN A 60 -2.57 3.05 24.72
N THR A 61 -3.18 3.72 23.76
CA THR A 61 -4.57 4.04 23.83
C THR A 61 -5.09 3.83 22.38
N VAL A 62 -6.37 3.47 22.14
CA VAL A 62 -6.90 3.30 20.85
C VAL A 62 -8.08 4.23 20.72
N VAL A 63 -8.16 4.83 19.54
CA VAL A 63 -9.12 5.81 19.22
C VAL A 63 -9.60 5.42 17.81
N GLU A 64 -10.90 5.14 17.65
CA GLU A 64 -11.42 4.79 16.33
C GLU A 64 -12.79 5.43 16.15
N GLY A 65 -13.22 5.45 14.90
CA GLY A 65 -14.57 5.90 14.58
C GLY A 65 -14.70 6.09 13.06
N ASP A 66 -15.87 6.54 12.63
CA ASP A 66 -16.15 6.71 11.21
C ASP A 66 -15.70 8.07 10.82
N GLY A 67 -15.25 8.24 9.60
CA GLY A 67 -14.84 9.55 9.16
C GLY A 67 -13.62 10.15 9.84
N VAL A 68 -13.20 11.29 9.32
CA VAL A 68 -12.30 12.11 10.02
C VAL A 68 -12.99 13.46 10.26
N VAL A 69 -12.91 13.93 11.51
CA VAL A 69 -13.56 15.20 11.88
C VAL A 69 -15.01 15.20 11.44
N GLY A 70 -15.65 14.05 11.57
CA GLY A 70 -17.11 14.01 11.34
C GLY A 70 -17.50 13.81 9.89
N GLU A 71 -16.55 13.58 9.00
CA GLU A 71 -16.92 13.38 7.61
C GLU A 71 -16.24 12.22 6.96
N GLN A 72 -16.83 11.71 5.90
CA GLN A 72 -16.15 10.66 5.11
C GLN A 72 -15.77 11.21 3.72
N PRO A 73 -14.58 11.83 3.64
CA PRO A 73 -14.27 12.59 2.44
C PRO A 73 -14.17 11.69 1.21
N ARG A 74 -14.62 12.22 0.09
CA ARG A 74 -14.62 11.44 -1.16
C ARG A 74 -13.56 12.11 -1.98
N ILE A 75 -12.53 11.36 -2.33
CA ILE A 75 -11.42 12.11 -2.93
C ILE A 75 -11.28 11.65 -4.41
N LYS A 76 -11.40 12.58 -5.37
CA LYS A 76 -11.15 12.32 -6.80
C LYS A 76 -9.69 12.03 -7.06
N ALA A 77 -9.41 11.26 -8.11
CA ALA A 77 -8.05 11.06 -8.65
C ALA A 77 -7.26 12.35 -8.63
N ASN A 78 -6.02 12.29 -8.10
CA ASN A 78 -5.10 13.42 -8.20
C ASN A 78 -5.56 14.60 -7.34
N ASP A 79 -6.53 14.34 -6.46
CA ASP A 79 -7.01 15.37 -5.51
C ASP A 79 -6.49 15.05 -4.16
N GLU A 80 -6.72 15.95 -3.21
CA GLU A 80 -6.31 15.68 -1.85
C GLU A 80 -7.30 16.19 -0.83
N TYR A 81 -7.24 15.66 0.38
CA TYR A 81 -8.10 16.15 1.44
C TYR A 81 -7.20 16.45 2.64
N THR A 82 -7.37 17.63 3.24
CA THR A 82 -6.61 17.94 4.40
C THR A 82 -7.52 18.15 5.62
N TYR A 83 -7.06 17.76 6.79
CA TYR A 83 -7.77 18.19 8.01
C TYR A 83 -6.88 18.26 9.16
N SER A 84 -7.36 18.79 10.30
CA SER A 84 -6.49 18.75 11.49
C SER A 84 -7.23 18.30 12.73
N SER A 85 -6.48 17.77 13.69
CA SER A 85 -7.09 17.25 14.91
C SER A 85 -6.03 17.39 16.03
N GLY A 86 -6.10 16.58 17.05
CA GLY A 86 -5.15 16.78 18.12
C GLY A 86 -5.19 15.67 19.10
N THR A 87 -4.12 15.57 19.88
CA THR A 87 -4.15 14.56 20.93
C THR A 87 -3.43 15.18 22.11
N ALA A 88 -3.74 14.70 23.31
CA ALA A 88 -3.01 15.08 24.49
C ALA A 88 -2.27 13.83 25.02
N LEU A 89 -1.02 14.01 25.55
CA LEU A 89 -0.28 12.89 26.10
C LEU A 89 0.11 13.27 27.49
N ASP A 90 0.49 12.26 28.27
CA ASP A 90 1.04 12.51 29.61
C ASP A 90 2.54 12.87 29.58
N THR A 91 3.16 12.71 28.41
CA THR A 91 4.56 12.90 28.20
C THR A 91 4.80 13.94 27.05
N PRO A 92 6.02 14.55 27.03
CA PRO A 92 6.36 15.60 26.01
C PRO A 92 6.66 15.13 24.60
N VAL A 93 6.64 13.79 24.44
CA VAL A 93 6.89 13.12 23.15
C VAL A 93 6.02 11.88 23.18
N GLY A 94 5.70 11.39 21.98
CA GLY A 94 4.91 10.13 21.85
C GLY A 94 4.85 9.80 20.38
N VAL A 95 3.98 8.88 20.00
CA VAL A 95 3.96 8.30 18.63
C VAL A 95 2.47 8.07 18.33
N GLN A 97 0.25 5.98 15.15
CA GLN A 97 0.26 5.18 13.94
C GLN A 97 -1.19 4.68 13.82
N GLY A 98 -1.56 4.19 12.66
CA GLY A 98 -2.88 3.54 12.56
C GLY A 98 -3.20 3.20 11.13
N GLN A 99 -4.50 3.23 10.88
CA GLN A 99 -5.03 2.93 9.59
C GLN A 99 -6.33 3.70 9.19
N TYR A 100 -6.48 3.94 7.89
CA TYR A 100 -7.75 4.39 7.34
C TYR A 100 -8.30 3.18 6.59
N LEU A 101 -9.61 3.06 6.67
CA LEU A 101 -10.36 2.04 5.97
C LEU A 101 -11.02 2.85 4.93
N ILE A 103 -12.83 2.88 0.77
CA ILE A 103 -13.47 2.13 -0.31
C ILE A 103 -13.05 2.67 -1.68
N ASP A 104 -12.96 1.75 -2.66
CA ASP A 104 -12.68 2.26 -4.06
C ASP A 104 -14.00 2.56 -4.76
N GLU A 105 -13.90 2.71 -6.11
CA GLU A 105 -14.98 3.28 -6.85
C GLU A 105 -16.12 2.29 -7.01
N GLN A 106 -15.83 1.03 -6.78
CA GLN A 106 -16.78 -0.08 -6.93
C GLN A 106 -17.31 -0.44 -5.54
N GLY A 107 -16.93 0.35 -4.53
CA GLY A 107 -17.40 0.17 -3.12
C GLY A 107 -16.64 -0.90 -2.37
N GLU A 108 -15.51 -1.29 -2.96
CA GLU A 108 -14.57 -2.24 -2.37
C GLU A 108 -13.68 -1.71 -1.24
N SER A 109 -13.66 -2.45 -0.12
CA SER A 109 -12.89 -2.03 1.02
C SER A 109 -11.35 -2.17 0.82
N PHE A 110 -10.56 -1.16 1.26
CA PHE A 110 -9.08 -1.35 1.36
C PHE A 110 -8.54 -0.59 2.55
N THR A 111 -7.50 -1.16 3.17
CA THR A 111 -6.91 -0.56 4.34
C THR A 111 -5.67 0.19 4.00
N VAL A 112 -5.50 1.37 4.54
CA VAL A 112 -4.29 2.16 4.24
C VAL A 112 -3.54 2.37 5.58
N GLU A 113 -2.26 2.00 5.62
CA GLU A 113 -1.49 2.10 6.80
C GLU A 113 -0.93 3.49 6.97
N ILE A 114 -1.12 4.02 8.16
CA ILE A 114 -0.49 5.28 8.56
C ILE A 114 0.72 4.88 9.39
N GLU A 115 1.88 5.09 8.79
CA GLU A 115 3.11 4.76 9.49
C GLU A 115 3.31 5.58 10.77
N PRO A 116 4.00 4.98 11.78
CA PRO A 116 4.27 5.71 13.02
C PRO A 116 4.95 7.10 12.77
N PHE A 117 4.51 8.12 13.44
CA PHE A 117 5.19 9.39 13.48
C PHE A 117 5.23 10.01 14.88
N ARG A 118 6.22 10.85 15.13
CA ARG A 118 6.44 11.35 16.43
C ARG A 118 5.69 12.68 16.70
N LEU A 119 5.17 12.74 17.93
CA LEU A 119 4.68 13.92 18.52
C LEU A 119 5.76 14.41 19.47
N ALA A 120 6.14 15.71 19.41
CA ALA A 120 7.23 16.21 20.26
C ALA A 120 7.20 17.67 20.47
N VAL A 121 7.45 18.00 21.71
CA VAL A 121 7.73 19.31 22.11
C VAL A 121 8.88 19.83 21.23
N PRO A 122 9.00 21.15 21.06
CA PRO A 122 10.10 21.65 20.26
C PRO A 122 11.48 21.25 20.84
N HIS A 123 12.40 20.89 19.96
CA HIS A 123 13.75 20.48 20.35
C HIS A 123 14.76 20.77 19.23
N VAL A 124 14.82 22.03 18.80
CA VAL A 124 15.86 22.42 17.79
C VAL A 124 17.17 22.94 18.39
N ASP B 2 6.16 12.26 5.15
CA ASP B 2 5.47 11.28 4.38
C ASP B 2 5.28 10.13 5.36
N VAL B 3 4.05 9.64 5.56
CA VAL B 3 3.76 8.58 6.56
C VAL B 3 2.95 7.39 5.99
N SER B 4 3.10 7.23 4.66
CA SER B 4 2.56 6.05 3.99
C SER B 4 3.74 5.45 3.30
N LEU B 5 3.68 4.16 3.03
CA LEU B 5 4.79 3.50 2.30
C LEU B 5 4.82 4.03 0.86
N PRO B 6 5.99 3.99 0.23
CA PRO B 6 6.14 4.45 -1.14
C PRO B 6 5.06 3.81 -1.97
N CYS B 7 4.41 4.63 -2.75
CA CYS B 7 3.48 4.14 -3.74
C CYS B 7 4.18 3.52 -4.98
N ILE B 8 3.89 2.24 -5.19
CA ILE B 8 4.40 1.37 -6.26
C ILE B 8 3.08 0.93 -7.05
N LYS B 9 2.93 1.26 -8.34
CA LYS B 9 1.79 0.84 -9.14
C LYS B 9 2.22 -0.40 -9.93
N ILE B 10 1.55 -1.57 -9.78
CA ILE B 10 1.78 -2.79 -10.62
C ILE B 10 0.61 -2.92 -11.65
N GLN B 11 1.00 -3.15 -12.91
CA GLN B 11 0.06 -3.50 -13.95
C GLN B 11 0.49 -4.77 -14.68
N VAL B 12 -0.46 -5.43 -15.34
CA VAL B 12 -0.12 -6.67 -15.94
C VAL B 12 -0.96 -6.89 -17.15
N GLN B 13 -0.44 -7.65 -18.12
CA GLN B 13 -1.26 -8.13 -19.25
C GLN B 13 -0.86 -9.57 -19.36
N THR B 14 -1.79 -10.52 -19.54
CA THR B 14 -1.38 -11.91 -19.72
C THR B 14 -1.85 -12.36 -21.11
N ARG B 15 -1.36 -13.49 -21.58
CA ARG B 15 -1.65 -13.95 -22.95
C ARG B 15 -1.60 -15.46 -22.82
N TYR B 16 -2.51 -16.20 -23.42
CA TYR B 16 -2.34 -17.66 -23.51
C TYR B 16 -1.44 -17.98 -24.70
N ILE B 17 -0.54 -18.97 -24.52
CA ILE B 17 0.49 -19.35 -25.44
C ILE B 17 0.08 -20.68 -26.10
N GLU B 18 -0.64 -20.55 -27.18
CA GLU B 18 -1.18 -21.70 -27.80
C GLU B 18 -0.04 -22.66 -28.18
N GLU B 19 1.08 -22.10 -28.64
CA GLU B 19 2.15 -22.97 -29.16
C GLU B 19 2.90 -23.79 -28.06
N GLN B 20 2.71 -23.39 -26.82
CA GLN B 20 3.37 -24.05 -25.76
C GLN B 20 2.44 -24.99 -25.06
N SER B 21 1.14 -25.05 -25.46
CA SER B 21 0.08 -25.73 -24.70
C SER B 21 -0.35 -27.00 -25.39
N ASN B 22 -1.06 -27.80 -24.62
CA ASN B 22 -1.61 -29.04 -25.13
C ASN B 22 -2.82 -29.35 -24.33
N PRO B 23 -3.94 -28.69 -24.72
CA PRO B 23 -5.24 -28.92 -24.07
C PRO B 23 -5.55 -30.38 -23.92
N GLU B 24 -5.27 -31.20 -24.95
CA GLU B 24 -5.53 -32.63 -24.88
C GLU B 24 -4.87 -33.24 -23.68
N TYR B 25 -3.63 -32.80 -23.40
CA TYR B 25 -2.89 -33.32 -22.27
C TYR B 25 -3.11 -32.45 -21.03
N GLN B 26 -4.15 -31.58 -21.01
CA GLN B 26 -4.39 -30.64 -19.91
C GLN B 26 -3.19 -29.79 -19.55
N ARG B 27 -2.60 -29.21 -20.57
CA ARG B 27 -1.54 -28.35 -20.28
C ARG B 27 -1.77 -26.98 -20.98
N PHE B 28 -1.94 -25.92 -20.14
CA PHE B 28 -2.27 -24.61 -20.64
C PHE B 28 -1.19 -23.60 -20.19
N VAL B 29 -0.55 -22.89 -21.15
CA VAL B 29 0.59 -22.02 -20.84
C VAL B 29 0.20 -20.57 -21.22
N PHE B 30 0.65 -19.66 -20.34
CA PHE B 30 0.31 -18.30 -20.32
C PHE B 30 1.63 -17.60 -20.10
N ALA B 31 1.74 -16.41 -20.72
CA ALA B 31 2.78 -15.53 -20.47
C ALA B 31 2.23 -14.33 -19.70
N TYR B 32 3.08 -13.57 -18.97
CA TYR B 32 2.55 -12.39 -18.30
C TYR B 32 3.54 -11.25 -18.38
N LEU B 33 3.07 -10.07 -18.68
CA LEU B 33 3.95 -8.90 -18.81
C LEU B 33 3.64 -7.90 -17.70
N ILE B 34 4.56 -7.67 -16.75
CA ILE B 34 4.34 -6.82 -15.56
C ILE B 34 5.13 -5.54 -15.70
N THR B 35 4.48 -4.39 -15.45
CA THR B 35 5.09 -3.09 -15.32
C THR B 35 4.95 -2.64 -13.85
N ILE B 36 6.07 -2.21 -13.28
CA ILE B 36 6.17 -1.70 -11.92
C ILE B 36 6.58 -0.25 -12.05
N LYS B 37 5.70 0.66 -11.67
CA LYS B 37 5.93 2.09 -11.68
C LYS B 37 6.18 2.67 -10.24
N ASN B 38 7.30 3.41 -10.05
CA ASN B 38 7.54 4.17 -8.86
C ASN B 38 6.83 5.51 -8.92
N LEU B 39 5.76 5.60 -8.17
CA LEU B 39 5.04 6.82 -7.87
C LEU B 39 5.40 7.47 -6.57
N SER B 40 6.52 7.13 -5.95
CA SER B 40 6.87 7.87 -4.77
C SER B 40 7.92 8.91 -5.16
N SER B 41 8.49 9.62 -4.19
CA SER B 41 9.55 10.56 -4.47
C SER B 41 10.98 10.05 -4.08
N GLN B 42 11.09 8.74 -3.85
CA GLN B 42 12.35 8.11 -3.65
C GLN B 42 12.61 6.88 -4.51
N THR B 43 13.91 6.61 -4.70
CA THR B 43 14.31 5.42 -5.36
C THR B 43 14.16 4.17 -4.54
N VAL B 44 13.51 3.22 -5.19
CA VAL B 44 13.21 1.94 -4.50
C VAL B 44 13.86 0.77 -5.18
N GLN B 45 13.90 -0.42 -4.58
CA GLN B 45 14.53 -1.50 -5.34
C GLN B 45 13.79 -2.72 -5.11
N LEU B 46 13.58 -3.48 -6.18
CA LEU B 46 12.78 -4.74 -5.98
C LEU B 46 13.73 -5.88 -5.68
N SER B 48 12.90 -9.25 -4.00
CA SER B 48 12.44 -10.55 -4.25
C SER B 48 10.97 -10.61 -4.50
N ARG B 49 10.48 -11.77 -4.88
CA ARG B 49 9.03 -12.00 -5.19
C ARG B 49 8.49 -13.27 -4.58
N ARG B 50 7.18 -13.30 -4.43
CA ARG B 50 6.53 -14.52 -3.98
C ARG B 50 5.18 -14.67 -4.58
N TRP B 51 4.93 -15.76 -5.33
CA TRP B 51 3.71 -15.91 -6.02
C TRP B 51 2.94 -17.05 -5.42
N LEU B 52 1.61 -16.88 -5.39
CA LEU B 52 0.66 -18.01 -5.15
C LEU B 52 -0.16 -18.18 -6.47
N ILE B 53 -0.05 -19.32 -7.10
CA ILE B 53 -0.75 -19.60 -8.34
C ILE B 53 -1.79 -20.61 -8.10
N THR B 54 -3.05 -20.25 -8.47
CA THR B 54 -4.25 -21.05 -8.30
C THR B 54 -4.91 -21.41 -9.61
N ASP B 55 -4.93 -22.72 -9.87
CA ASP B 55 -5.60 -23.19 -11.04
C ASP B 55 -7.14 -23.20 -10.85
N ALA B 56 -7.87 -23.43 -11.96
CA ALA B 56 -9.34 -23.31 -11.92
C ALA B 56 -9.96 -24.36 -10.98
N ASP B 57 -9.20 -25.38 -10.62
CA ASP B 57 -9.75 -26.37 -9.64
C ASP B 57 -9.19 -26.12 -8.27
N GLY B 58 -8.50 -25.02 -8.05
CA GLY B 58 -8.14 -24.76 -6.65
C GLY B 58 -6.81 -25.32 -6.26
N LYS B 59 -6.09 -25.98 -7.16
CA LYS B 59 -4.72 -26.42 -6.84
C LYS B 59 -3.70 -25.26 -6.80
N GLN B 60 -3.00 -25.16 -5.68
CA GLN B 60 -2.12 -24.04 -5.41
C GLN B 60 -0.64 -24.42 -5.47
N THR B 61 0.14 -23.45 -5.95
CA THR B 61 1.57 -23.65 -6.03
C THR B 61 2.21 -22.32 -5.57
N VAL B 62 3.39 -22.37 -4.99
CA VAL B 62 4.14 -21.22 -4.54
C VAL B 62 5.45 -21.12 -5.32
N VAL B 63 5.78 -19.94 -5.88
CA VAL B 63 6.98 -19.79 -6.58
C VAL B 63 7.70 -18.55 -6.00
N GLU B 64 8.95 -18.65 -5.57
CA GLU B 64 9.56 -17.49 -4.95
C GLU B 64 11.01 -17.49 -5.19
N GLY B 65 11.67 -16.39 -4.92
CA GLY B 65 13.06 -16.27 -5.28
C GLY B 65 13.37 -14.76 -5.25
N ASP B 66 14.63 -14.43 -5.49
CA ASP B 66 15.12 -13.11 -5.41
C ASP B 66 15.09 -12.61 -6.84
N GLY B 67 14.99 -11.31 -6.97
CA GLY B 67 14.82 -10.65 -8.26
C GLY B 67 13.52 -11.04 -8.99
N VAL B 68 13.41 -10.49 -10.19
CA VAL B 68 12.53 -10.96 -11.18
C VAL B 68 13.41 -11.12 -12.40
N VAL B 69 13.26 -12.26 -13.09
CA VAL B 69 14.05 -12.56 -14.29
C VAL B 69 15.53 -12.36 -14.06
N GLY B 70 15.97 -12.60 -12.82
CA GLY B 70 17.44 -12.59 -12.59
C GLY B 70 17.88 -11.27 -12.02
N GLU B 71 16.98 -10.28 -11.88
CA GLU B 71 17.46 -8.91 -11.57
C GLU B 71 16.81 -8.37 -10.37
N GLN B 72 17.51 -7.46 -9.69
CA GLN B 72 16.84 -6.70 -8.65
C GLN B 72 16.74 -5.21 -9.08
N PRO B 73 15.68 -4.86 -9.87
CA PRO B 73 15.72 -3.55 -10.47
C PRO B 73 15.62 -2.38 -9.45
N ARG B 74 16.44 -1.38 -9.67
CA ARG B 74 16.47 -0.19 -8.90
C ARG B 74 15.60 0.84 -9.63
N ILE B 75 14.56 1.34 -9.00
CA ILE B 75 13.58 2.07 -9.83
C ILE B 75 13.49 3.43 -9.20
N LYS B 76 13.86 4.45 -9.96
CA LYS B 76 13.71 5.84 -9.58
C LYS B 76 12.28 6.36 -9.70
N ALA B 77 12.11 7.49 -9.06
CA ALA B 77 10.75 8.13 -8.93
C ALA B 77 10.27 8.42 -10.31
N ASN B 78 9.01 8.09 -10.60
CA ASN B 78 8.38 8.22 -11.93
C ASN B 78 9.04 7.47 -13.07
N ASP B 79 9.91 6.53 -12.78
CA ASP B 79 10.39 5.58 -13.79
C ASP B 79 9.62 4.29 -13.56
N GLU B 80 9.84 3.38 -14.47
CA GLU B 80 9.14 2.14 -14.42
C GLU B 80 10.03 0.97 -14.84
N TYR B 81 9.70 -0.28 -14.39
CA TYR B 81 10.43 -1.45 -14.85
C TYR B 81 9.38 -2.45 -15.46
N THR B 82 9.64 -3.02 -16.62
CA THR B 82 8.74 -4.05 -17.24
C THR B 82 9.48 -5.41 -17.42
N TYR B 83 8.85 -6.56 -17.12
CA TYR B 83 9.51 -7.84 -17.49
C TYR B 83 8.41 -8.73 -17.90
N SER B 84 8.70 -9.87 -18.54
CA SER B 84 7.63 -10.89 -18.70
C SER B 84 8.15 -12.19 -18.24
N SER B 85 7.24 -13.04 -17.92
CA SER B 85 7.59 -14.37 -17.55
C SER B 85 6.31 -15.21 -17.87
N GLY B 86 6.17 -16.37 -17.30
CA GLY B 86 5.21 -17.34 -17.88
C GLY B 86 4.86 -18.31 -16.78
N THR B 87 3.70 -18.96 -16.93
CA THR B 87 3.28 -19.98 -15.99
C THR B 87 2.42 -20.93 -16.84
N ALA B 88 2.46 -22.24 -16.49
CA ALA B 88 1.70 -23.27 -17.09
C ALA B 88 0.66 -23.77 -16.04
N LEU B 89 -0.60 -24.12 -16.45
CA LEU B 89 -1.55 -24.73 -15.50
C LEU B 89 -2.13 -25.94 -16.09
N ASP B 90 -2.73 -26.76 -15.18
CA ASP B 90 -3.55 -27.87 -15.62
C ASP B 90 -4.91 -27.57 -16.21
N THR B 91 -5.34 -26.28 -16.23
CA THR B 91 -6.71 -25.90 -16.45
C THR B 91 -6.53 -24.63 -17.38
N PRO B 92 -7.55 -24.29 -18.17
CA PRO B 92 -7.60 -23.13 -19.22
C PRO B 92 -7.69 -21.72 -18.65
N VAL B 93 -7.84 -21.70 -17.34
CA VAL B 93 -8.04 -20.53 -16.49
C VAL B 93 -7.36 -20.72 -15.16
N GLY B 94 -6.87 -19.63 -14.63
CA GLY B 94 -6.51 -19.65 -13.16
C GLY B 94 -6.23 -18.29 -12.66
N VAL B 95 -5.49 -18.20 -11.57
CA VAL B 95 -5.30 -16.94 -10.85
C VAL B 95 -3.85 -16.86 -10.34
N GLN B 97 -1.39 -14.18 -7.72
CA GLN B 97 -1.38 -13.09 -6.72
C GLN B 97 -0.04 -13.26 -5.97
N GLY B 98 0.35 -12.25 -5.22
CA GLY B 98 1.60 -12.47 -4.54
C GLY B 98 2.00 -11.18 -3.97
N GLN B 99 3.32 -11.16 -3.76
CA GLN B 99 4.01 -10.04 -3.18
C GLN B 99 5.39 -9.79 -3.72
N TYR B 100 5.75 -8.50 -3.90
CA TYR B 100 7.15 -8.11 -3.98
C TYR B 100 7.67 -7.53 -2.65
N LEU B 101 8.87 -7.90 -2.31
CA LEU B 101 9.54 -7.33 -1.15
C LEU B 101 10.46 -6.27 -1.75
N ILE B 103 13.00 -2.61 -1.09
CA ILE B 103 13.58 -1.67 -0.15
C ILE B 103 13.42 -0.20 -0.56
N ASP B 104 13.30 0.67 0.42
CA ASP B 104 13.28 2.14 0.12
C ASP B 104 14.70 2.72 0.10
N GLU B 105 14.81 4.06 0.03
CA GLU B 105 16.09 4.70 -0.23
C GLU B 105 17.02 4.62 0.95
N GLN B 106 16.45 4.49 2.12
CA GLN B 106 17.18 4.26 3.39
C GLN B 106 17.51 2.84 3.57
N GLY B 107 17.08 2.01 2.65
CA GLY B 107 17.29 0.55 2.77
C GLY B 107 16.37 -0.18 3.73
N GLU B 108 15.23 0.44 4.03
CA GLU B 108 14.17 -0.24 4.70
C GLU B 108 13.27 -1.07 3.80
N SER B 109 12.92 -2.26 4.32
CA SER B 109 12.01 -3.19 3.71
C SER B 109 10.56 -2.72 3.71
N PHE B 110 9.85 -3.07 2.62
CA PHE B 110 8.40 -2.92 2.55
C PHE B 110 7.86 -3.92 1.54
N THR B 111 6.70 -4.48 1.84
CA THR B 111 6.05 -5.46 1.02
C THR B 111 5.02 -4.77 0.12
N VAL B 112 4.98 -5.05 -1.19
CA VAL B 112 3.98 -4.45 -2.19
C VAL B 112 3.11 -5.71 -2.53
N GLU B 113 1.77 -5.59 -2.42
CA GLU B 113 0.88 -6.73 -2.63
C GLU B 113 0.54 -6.68 -4.15
N ILE B 114 0.63 -7.84 -4.80
CA ILE B 114 0.20 -7.99 -6.15
C ILE B 114 -1.21 -8.67 -5.95
N GLU B 115 -2.26 -7.91 -6.25
CA GLU B 115 -3.60 -8.46 -6.16
C GLU B 115 -3.86 -9.56 -7.23
N PRO B 116 -4.83 -10.41 -6.93
CA PRO B 116 -5.19 -11.51 -7.89
C PRO B 116 -5.59 -11.00 -9.28
N PHE B 117 -5.00 -11.59 -10.29
CA PHE B 117 -5.38 -11.50 -11.63
C PHE B 117 -5.46 -12.90 -12.29
N ARG B 118 -6.28 -12.93 -13.29
CA ARG B 118 -6.69 -14.12 -13.94
C ARG B 118 -5.86 -14.31 -15.18
N LEU B 119 -5.63 -15.57 -15.36
CA LEU B 119 -5.00 -16.12 -16.52
C LEU B 119 -6.12 -16.86 -17.24
N ALA B 120 -6.25 -16.66 -18.55
CA ALA B 120 -7.34 -17.29 -19.26
C ALA B 120 -7.04 -17.41 -20.69
N VAL B 121 -7.34 -18.60 -21.19
CA VAL B 121 -7.61 -18.81 -22.57
C VAL B 121 -8.54 -17.66 -23.15
N PRO B 122 -8.40 -17.37 -24.42
CA PRO B 122 -9.16 -16.26 -24.96
C PRO B 122 -10.65 -16.63 -24.89
N HIS B 123 -11.52 -15.68 -24.54
CA HIS B 123 -12.96 -15.95 -24.33
C HIS B 123 -13.82 -14.69 -24.62
N VAL B 124 -13.64 -14.10 -25.79
CA VAL B 124 -14.33 -12.85 -26.11
C VAL B 124 -15.70 -13.00 -26.82
#